data_4AN3
#
_entry.id   4AN3
#
_cell.length_a   108.659
_cell.length_b   108.659
_cell.length_c   50.113
_cell.angle_alpha   90.00
_cell.angle_beta   90.00
_cell.angle_gamma   120.00
#
_symmetry.space_group_name_H-M   'P 61'
#
loop_
_entity.id
_entity.type
_entity.pdbx_description
1 polymer 'DUAL SPECIFICITY MITOGEN-ACTIVATED PROTEIN KINASE KINASE 1'
2 non-polymer 'MAGNESIUM ION'
3 non-polymer "ADENOSINE-5'-TRIPHOSPHATE"
4 non-polymer N-[(2S)-2,3-bis(oxidanyl)propoxy]-3,4-bis(fluoranyl)-2-[(2-fluoranyl-4-iodanyl-phenyl)amino]benzamide
5 water water
#
_entity_poly.entity_id   1
_entity_poly.type   'polypeptide(L)'
_entity_poly.pdbx_seq_one_letter_code
;MALGELKDDDFEKISELGAGNGGVVFKVSHKPSGLVMARKLIHLEIKPAIRNQIIRELQVLHECNSPYIVGFYGAFYSDG
EISICMEHMDGGSLDQVLKKAGRIPEQILGKVSIAVIKGLTYLREKHKIMHRDVKPSNILVNSRGEIKLCDFGVSGQLID
EMANEFVGTRSYMSPERLQGTHYSVQSDIWSMGLSLVEMAVGRYPRPPMAIFELLDYIVNEPPPKLPSAVFSLEFQDFVN
KCLIKNPAERADLKQLMVHAFIKRSDAEEVDFAGWLCSTIGLNQPSTPTHAAGEGHHHHHH
;
_entity_poly.pdbx_strand_id   A
#
loop_
_chem_comp.id
_chem_comp.type
_chem_comp.name
_chem_comp.formula
5Y0 non-polymer N-[(2S)-2,3-bis(oxidanyl)propoxy]-3,4-bis(fluoranyl)-2-[(2-fluoranyl-4-iodanyl-phenyl)amino]benzamide 'C16 H14 F3 I N2 O4'
ATP non-polymer ADENOSINE-5'-TRIPHOSPHATE 'C10 H16 N5 O13 P3'
MG non-polymer 'MAGNESIUM ION' 'Mg 2'
#
# COMPACT_ATOMS: atom_id res chain seq x y z
N MET A 1 19.99 4.33 20.75
CA MET A 1 20.18 4.43 19.26
C MET A 1 19.60 5.75 18.74
N ALA A 2 19.33 5.84 17.43
CA ALA A 2 18.95 7.10 16.74
C ALA A 2 17.91 7.96 17.42
N LEU A 3 16.80 7.35 17.83
CA LEU A 3 15.71 8.09 18.47
C LEU A 3 15.50 7.76 19.94
N GLY A 4 15.96 6.57 20.36
CA GLY A 4 15.78 6.13 21.75
C GLY A 4 14.36 5.70 22.03
N GLU A 5 13.96 5.80 23.30
CA GLU A 5 12.62 5.37 23.75
C GLU A 5 11.54 6.42 23.40
N LEU A 6 10.62 6.03 22.55
CA LEU A 6 9.58 6.93 22.07
C LEU A 6 8.39 6.89 23.01
N LYS A 7 7.87 8.06 23.38
CA LYS A 7 6.76 8.12 24.31
C LYS A 7 5.79 9.19 23.93
N ASP A 8 4.53 8.99 24.29
CA ASP A 8 3.42 9.79 23.84
C ASP A 8 3.56 11.28 24.19
N ASP A 9 4.31 11.55 25.26
CA ASP A 9 4.44 12.91 25.81
C ASP A 9 5.27 13.82 24.89
N ASP A 10 6.23 13.20 24.19
CA ASP A 10 7.11 13.86 23.20
C ASP A 10 6.40 14.41 21.96
N PHE A 11 5.25 13.86 21.64
CA PHE A 11 4.56 14.19 20.38
C PHE A 11 3.54 15.27 20.53
N GLU A 12 3.58 16.24 19.65
CA GLU A 12 2.50 17.21 19.60
C GLU A 12 1.73 16.97 18.27
N LYS A 13 0.39 16.91 18.34
CA LYS A 13 -0.44 16.65 17.15
C LYS A 13 -0.47 17.90 16.29
N ILE A 14 -0.19 17.79 14.99
CA ILE A 14 -0.28 18.92 14.04
C ILE A 14 -1.64 18.89 13.33
N SER A 15 -1.92 17.80 12.62
CA SER A 15 -3.25 17.54 12.08
C SER A 15 -3.60 16.06 12.05
N GLU A 16 -4.72 15.73 11.41
CA GLU A 16 -5.16 14.36 11.29
C GLU A 16 -4.95 14.07 9.82
N LEU A 17 -4.34 12.94 9.53
CA LEU A 17 -4.04 12.57 8.15
C LEU A 17 -5.07 11.55 7.67
N GLY A 18 -6.11 11.36 8.46
CA GLY A 18 -7.16 10.43 8.09
C GLY A 18 -7.21 9.20 8.98
N ALA A 19 -8.19 8.35 8.68
CA ALA A 19 -8.52 7.14 9.44
C ALA A 19 -8.96 6.08 8.44
N GLY A 20 -8.96 4.82 8.88
CA GLY A 20 -9.49 3.68 8.10
C GLY A 20 -10.03 2.61 9.03
N ASN A 21 -10.16 1.37 8.52
CA ASN A 21 -10.82 0.24 9.25
C ASN A 21 -10.72 0.34 10.78
N GLY A 22 -9.49 0.29 11.33
CA GLY A 22 -9.28 0.31 12.78
C GLY A 22 -8.09 1.13 13.27
N GLY A 23 -8.04 2.42 12.91
CA GLY A 23 -6.92 3.29 13.29
C GLY A 23 -6.87 4.70 12.71
N VAL A 24 -6.35 5.62 13.50
CA VAL A 24 -6.23 7.02 13.13
C VAL A 24 -4.73 7.43 12.98
N VAL A 25 -4.46 8.33 12.03
CA VAL A 25 -3.12 8.73 11.67
C VAL A 25 -3.07 10.22 11.72
N PHE A 26 -2.07 10.71 12.44
CA PHE A 26 -1.90 12.12 12.64
C PHE A 26 -0.49 12.45 12.16
N LYS A 27 -0.37 13.63 11.59
CA LYS A 27 0.90 14.31 11.42
C LYS A 27 1.26 14.85 12.80
N VAL A 28 2.46 14.51 13.27
CA VAL A 28 2.98 14.93 14.57
C VAL A 28 4.39 15.58 14.53
N SER A 29 4.72 16.29 15.59
CA SER A 29 6.05 16.80 15.83
C SER A 29 6.60 15.99 16.94
N HIS A 30 7.66 15.21 16.68
CA HIS A 30 8.42 14.64 17.78
C HIS A 30 9.32 15.73 18.35
N LYS A 31 8.87 16.36 19.45
CA LYS A 31 9.46 17.59 19.92
C LYS A 31 10.94 17.55 20.27
N PRO A 32 11.41 16.56 21.04
CA PRO A 32 12.84 16.40 21.32
C PRO A 32 13.80 16.36 20.10
N SER A 33 13.38 15.82 18.96
CA SER A 33 14.28 15.63 17.80
C SER A 33 14.08 16.67 16.73
N GLY A 34 12.85 17.23 16.71
CA GLY A 34 12.39 18.13 15.64
C GLY A 34 11.85 17.39 14.42
N LEU A 35 11.76 16.06 14.52
CA LEU A 35 11.24 15.21 13.43
C LEU A 35 9.74 15.39 13.25
N VAL A 36 9.32 15.54 11.99
CA VAL A 36 7.93 15.59 11.60
C VAL A 36 7.62 14.16 11.19
N MET A 37 6.55 13.56 11.76
CA MET A 37 6.29 12.12 11.47
C MET A 37 4.85 11.91 11.12
N ALA A 38 4.52 10.73 10.61
CA ALA A 38 3.12 10.29 10.65
C ALA A 38 2.87 9.32 11.85
N ARG A 39 1.99 9.69 12.79
CA ARG A 39 1.72 8.74 13.90
C ARG A 39 0.38 8.06 13.72
N LYS A 40 0.44 6.73 13.68
CA LYS A 40 -0.65 5.85 13.47
C LYS A 40 -0.88 5.07 14.73
N LEU A 41 -2.06 5.27 15.32
CA LEU A 41 -2.54 4.53 16.49
C LEU A 41 -3.46 3.36 16.09
N ILE A 42 -3.14 2.21 16.63
CA ILE A 42 -3.81 0.94 16.40
C ILE A 42 -4.40 0.44 17.74
N HIS A 43 -5.75 0.38 17.87
CA HIS A 43 -6.34 -0.29 19.07
C HIS A 43 -6.47 -1.78 18.89
N LEU A 44 -5.73 -2.50 19.71
CA LEU A 44 -5.88 -3.93 19.84
C LEU A 44 -6.06 -4.22 21.33
N GLU A 45 -7.00 -5.10 21.67
CA GLU A 45 -7.14 -5.54 23.05
C GLU A 45 -6.48 -6.90 23.12
N ILE A 46 -5.24 -6.91 23.60
CA ILE A 46 -4.40 -8.13 23.62
C ILE A 46 -3.61 -8.26 24.91
N LYS A 47 -3.34 -9.52 25.31
CA LYS A 47 -2.58 -9.81 26.53
C LYS A 47 -1.14 -9.28 26.36
N PRO A 48 -0.73 -8.28 27.17
CA PRO A 48 0.65 -7.75 27.19
C PRO A 48 1.76 -8.60 26.52
N ALA A 49 1.91 -9.87 26.92
CA ALA A 49 2.82 -10.78 26.23
C ALA A 49 2.77 -10.57 24.72
N ILE A 50 1.59 -10.78 24.13
CA ILE A 50 1.38 -10.71 22.68
C ILE A 50 1.61 -9.34 22.06
N ARG A 51 1.38 -8.27 22.84
CA ARG A 51 1.61 -6.92 22.36
C ARG A 51 3.10 -6.59 22.19
N ASN A 52 3.92 -7.16 23.06
CA ASN A 52 5.33 -6.81 23.10
C ASN A 52 6.06 -7.54 22.01
N GLN A 53 5.55 -8.71 21.69
CA GLN A 53 6.02 -9.47 20.56
C GLN A 53 5.65 -8.77 19.22
N ILE A 54 4.62 -7.92 19.22
CA ILE A 54 4.26 -7.14 18.03
C ILE A 54 5.28 -6.01 17.88
N ILE A 55 5.39 -5.19 18.93
CA ILE A 55 6.31 -4.06 18.98
C ILE A 55 7.77 -4.44 18.70
N ARG A 56 8.14 -5.68 19.00
CA ARG A 56 9.51 -6.14 18.79
C ARG A 56 9.69 -6.56 17.35
N GLU A 57 8.68 -7.26 16.82
CA GLU A 57 8.61 -7.70 15.42
C GLU A 57 8.60 -6.48 14.48
N LEU A 58 7.99 -5.40 14.95
CA LEU A 58 7.99 -4.13 14.29
C LEU A 58 9.37 -3.44 14.14
N GLN A 59 10.31 -3.75 15.02
CA GLN A 59 11.66 -3.22 14.94
C GLN A 59 12.37 -3.69 13.66
N VAL A 60 11.93 -4.79 13.07
CA VAL A 60 12.52 -5.14 11.78
C VAL A 60 12.34 -4.03 10.68
N LEU A 61 11.44 -3.09 10.91
CA LEU A 61 11.26 -1.99 9.97
C LEU A 61 12.41 -0.97 9.99
N HIS A 62 13.22 -0.97 11.05
CA HIS A 62 14.41 -0.11 11.13
C HIS A 62 15.35 -0.59 10.05
N GLU A 63 15.29 -1.85 9.69
CA GLU A 63 16.14 -2.35 8.62
C GLU A 63 15.54 -2.19 7.22
N CYS A 64 14.42 -1.47 7.10
CA CYS A 64 13.82 -1.33 5.78
C CYS A 64 14.32 -0.05 5.16
N ASN A 65 15.05 -0.18 4.06
CA ASN A 65 15.70 0.99 3.48
C ASN A 65 15.58 1.06 1.94
N SER A 66 14.55 1.76 1.46
CA SER A 66 14.26 1.78 0.04
C SER A 66 13.61 3.08 -0.27
N PRO A 67 13.92 3.67 -1.44
CA PRO A 67 13.22 4.87 -1.86
C PRO A 67 11.77 4.58 -2.12
N TYR A 68 11.42 3.28 -2.25
CA TYR A 68 10.04 2.84 -2.47
C TYR A 68 9.28 2.26 -1.28
N ILE A 69 9.80 2.50 -0.05
CA ILE A 69 9.23 2.02 1.19
C ILE A 69 9.13 3.21 2.15
N VAL A 70 7.95 3.49 2.71
CA VAL A 70 7.79 4.62 3.66
C VAL A 70 8.79 4.34 4.83
N GLY A 71 9.41 5.37 5.38
CA GLY A 71 10.46 5.16 6.37
C GLY A 71 9.84 5.01 7.73
N PHE A 72 10.54 4.25 8.59
CA PHE A 72 10.11 3.91 9.95
C PHE A 72 10.94 4.60 11.02
N TYR A 73 10.33 5.21 12.01
CA TYR A 73 11.07 5.86 13.08
C TYR A 73 10.99 5.11 14.41
N GLY A 74 9.81 4.54 14.72
CA GLY A 74 9.69 3.71 15.92
C GLY A 74 8.31 3.15 16.15
N ALA A 75 8.16 2.46 17.25
CA ALA A 75 6.94 1.72 17.55
C ALA A 75 6.93 1.46 19.03
N PHE A 76 5.87 1.93 19.69
CA PHE A 76 5.67 1.76 21.12
C PHE A 76 4.21 1.49 21.47
N TYR A 77 4.00 1.09 22.72
CA TYR A 77 2.67 0.86 23.25
C TYR A 77 2.40 1.95 24.28
N SER A 78 1.23 2.58 24.19
CA SER A 78 0.81 3.44 25.26
C SER A 78 -0.71 3.38 25.34
N ASP A 79 -1.20 3.10 26.54
CA ASP A 79 -2.63 3.21 26.88
C ASP A 79 -3.57 2.44 25.91
N GLY A 80 -3.34 1.13 25.76
CA GLY A 80 -4.14 0.26 24.88
C GLY A 80 -3.85 0.32 23.38
N GLU A 81 -3.12 1.33 22.93
CA GLU A 81 -2.80 1.45 21.52
C GLU A 81 -1.35 1.34 21.21
N ILE A 82 -1.09 0.63 20.13
CA ILE A 82 0.21 0.58 19.54
C ILE A 82 0.34 1.73 18.54
N SER A 83 1.46 2.43 18.65
CA SER A 83 1.82 3.56 17.84
C SER A 83 2.91 3.06 16.90
N ILE A 84 2.75 3.30 15.60
CA ILE A 84 3.81 3.08 14.62
C ILE A 84 4.07 4.43 14.03
N CYS A 85 5.25 4.98 14.34
CA CYS A 85 5.70 6.31 13.91
C CYS A 85 6.49 6.14 12.64
N MET A 86 6.20 6.95 11.62
CA MET A 86 6.75 6.69 10.30
C MET A 86 6.98 8.01 9.56
N GLU A 87 7.63 7.93 8.40
CA GLU A 87 7.81 9.12 7.57
C GLU A 87 6.49 9.70 7.11
N HIS A 88 6.36 11.02 7.18
CA HIS A 88 5.14 11.66 6.77
C HIS A 88 5.14 11.90 5.25
N MET A 89 4.34 11.16 4.48
CA MET A 89 4.20 11.44 3.06
C MET A 89 3.25 12.58 2.74
N ASP A 90 3.74 13.73 2.28
CA ASP A 90 2.87 14.97 2.20
C ASP A 90 1.82 14.98 1.05
N GLY A 91 1.88 14.00 0.14
CA GLY A 91 0.79 13.85 -0.79
C GLY A 91 -0.33 12.87 -0.37
N GLY A 92 -0.27 12.24 0.81
CA GLY A 92 -1.28 11.26 1.20
C GLY A 92 -1.15 10.00 0.37
N SER A 93 -2.22 9.20 0.31
CA SER A 93 -2.27 7.96 -0.51
C SER A 93 -2.94 8.25 -1.84
N LEU A 94 -2.82 7.31 -2.78
CA LEU A 94 -3.34 7.39 -4.10
C LEU A 94 -4.86 7.39 -4.05
N ASP A 95 -5.36 6.97 -2.90
CA ASP A 95 -6.76 6.89 -2.61
C ASP A 95 -7.35 8.29 -2.52
N GLN A 96 -6.74 9.10 -1.66
CA GLN A 96 -7.08 10.49 -1.48
C GLN A 96 -6.83 11.30 -2.74
N VAL A 97 -5.64 11.10 -3.35
CA VAL A 97 -5.34 11.56 -4.71
C VAL A 97 -6.39 11.19 -5.76
N LEU A 98 -6.84 9.96 -5.82
CA LEU A 98 -7.83 9.61 -6.82
C LEU A 98 -9.12 10.33 -6.55
N LYS A 99 -9.49 10.56 -5.29
CA LYS A 99 -10.75 11.28 -5.02
C LYS A 99 -10.73 12.65 -5.70
N LYS A 100 -9.63 13.39 -5.50
CA LYS A 100 -9.35 14.72 -6.08
C LYS A 100 -9.17 14.79 -7.60
N ALA A 101 -8.51 13.79 -8.19
CA ALA A 101 -8.21 13.74 -9.60
C ALA A 101 -9.37 13.24 -10.43
N GLY A 102 -10.14 12.33 -9.84
CA GLY A 102 -11.20 11.65 -10.55
C GLY A 102 -10.69 10.37 -11.23
N ARG A 103 -9.62 10.49 -12.00
CA ARG A 103 -8.94 9.35 -12.63
C ARG A 103 -7.45 9.72 -12.64
N ILE A 104 -6.55 8.73 -12.51
CA ILE A 104 -5.15 9.05 -12.61
C ILE A 104 -4.71 8.58 -14.02
N PRO A 105 -4.02 9.48 -14.82
CA PRO A 105 -3.73 9.12 -16.22
C PRO A 105 -2.75 7.98 -16.29
N GLU A 106 -2.76 7.24 -17.40
CA GLU A 106 -1.92 6.08 -17.57
C GLU A 106 -0.43 6.27 -17.28
N GLN A 107 0.10 7.46 -17.59
CA GLN A 107 1.56 7.74 -17.61
C GLN A 107 2.09 7.82 -16.20
N ILE A 108 1.32 8.53 -15.37
CA ILE A 108 1.51 8.56 -13.95
C ILE A 108 1.40 7.21 -13.26
N LEU A 109 0.50 6.36 -13.73
CA LEU A 109 0.27 5.04 -13.16
C LEU A 109 1.39 4.04 -13.58
N GLY A 110 2.13 4.41 -14.62
CA GLY A 110 3.31 3.69 -15.04
C GLY A 110 4.45 4.02 -14.09
N LYS A 111 4.49 5.25 -13.55
CA LYS A 111 5.47 5.56 -12.54
C LYS A 111 5.19 4.82 -11.18
N VAL A 112 3.90 4.66 -10.85
CA VAL A 112 3.37 3.93 -9.70
C VAL A 112 3.67 2.42 -9.92
N SER A 113 3.34 1.90 -11.08
CA SER A 113 3.67 0.51 -11.36
C SER A 113 5.13 0.26 -11.04
N ILE A 114 6.05 0.98 -11.68
CA ILE A 114 7.50 0.86 -11.36
C ILE A 114 7.77 0.95 -9.84
N ALA A 115 7.25 1.98 -9.15
CA ALA A 115 7.53 2.13 -7.74
C ALA A 115 6.95 0.98 -6.94
N VAL A 116 5.77 0.51 -7.35
CA VAL A 116 5.17 -0.61 -6.64
C VAL A 116 5.96 -1.90 -6.89
N ILE A 117 6.33 -2.19 -8.13
CA ILE A 117 7.10 -3.41 -8.44
C ILE A 117 8.44 -3.45 -7.72
N LYS A 118 8.99 -2.27 -7.48
CA LYS A 118 10.37 -2.19 -7.01
C LYS A 118 10.36 -2.26 -5.49
N GLY A 119 9.33 -1.65 -4.92
CA GLY A 119 9.03 -1.73 -3.52
C GLY A 119 8.85 -3.16 -3.08
N LEU A 120 8.09 -3.94 -3.86
CA LEU A 120 7.80 -5.31 -3.51
C LEU A 120 8.95 -6.23 -3.75
N THR A 121 9.77 -5.94 -4.78
CA THR A 121 10.96 -6.74 -5.09
C THR A 121 11.92 -6.52 -3.91
N TYR A 122 12.02 -5.27 -3.45
CA TYR A 122 12.80 -4.99 -2.26
C TYR A 122 12.42 -5.83 -1.00
N LEU A 123 11.20 -5.71 -0.51
CA LEU A 123 10.65 -6.58 0.52
C LEU A 123 10.91 -8.08 0.29
N ARG A 124 10.56 -8.60 -0.86
CA ARG A 124 10.68 -10.07 -1.04
C ARG A 124 12.15 -10.46 -0.89
N GLU A 125 13.01 -9.89 -1.75
CA GLU A 125 14.45 -10.17 -1.81
C GLU A 125 15.21 -9.70 -0.57
N LYS A 126 14.97 -8.53 -0.02
CA LYS A 126 15.83 -8.18 1.13
C LYS A 126 15.33 -8.80 2.41
N HIS A 127 14.01 -8.74 2.63
CA HIS A 127 13.43 -9.07 3.91
C HIS A 127 12.51 -10.26 3.97
N LYS A 128 12.28 -10.92 2.84
CA LYS A 128 11.28 -12.01 2.71
C LYS A 128 9.85 -11.66 3.22
N ILE A 129 9.54 -10.36 3.13
CA ILE A 129 8.21 -9.79 3.36
C ILE A 129 7.29 -9.75 2.12
N MET A 130 6.10 -10.37 2.22
CA MET A 130 5.02 -10.16 1.28
C MET A 130 4.22 -8.95 1.74
N HIS A 131 3.64 -8.16 0.85
CA HIS A 131 2.93 -6.99 1.33
C HIS A 131 1.65 -7.35 2.12
N ARG A 132 0.68 -8.00 1.47
CA ARG A 132 -0.57 -8.57 2.11
C ARG A 132 -1.77 -7.61 2.00
N ASP A 133 -1.50 -6.33 1.72
CA ASP A 133 -2.56 -5.34 1.65
C ASP A 133 -2.16 -4.25 0.64
N VAL A 134 -1.80 -4.67 -0.59
CA VAL A 134 -1.52 -3.68 -1.64
C VAL A 134 -2.86 -3.14 -2.09
N LYS A 135 -2.99 -1.83 -2.07
CA LYS A 135 -4.17 -1.20 -2.54
C LYS A 135 -3.98 0.35 -2.42
N PRO A 136 -4.88 1.13 -3.04
CA PRO A 136 -4.28 2.39 -3.28
C PRO A 136 -4.04 3.26 -2.02
N SER A 137 -4.67 2.93 -0.92
CA SER A 137 -4.53 3.74 0.33
C SER A 137 -3.23 3.43 1.10
N ASN A 138 -2.48 2.42 0.61
CA ASN A 138 -1.21 1.97 1.21
C ASN A 138 -0.03 2.23 0.27
N ILE A 139 -0.32 2.78 -0.90
CA ILE A 139 0.63 3.44 -1.71
C ILE A 139 0.60 4.94 -1.44
N LEU A 140 1.68 5.53 -0.91
CA LEU A 140 1.67 6.99 -0.50
C LEU A 140 2.60 7.85 -1.38
N VAL A 141 2.35 9.17 -1.41
CA VAL A 141 3.04 10.07 -2.33
C VAL A 141 3.45 11.42 -1.67
N ASN A 142 4.52 12.02 -2.15
CA ASN A 142 4.94 13.35 -1.59
C ASN A 142 5.18 14.40 -2.65
N SER A 143 5.33 15.65 -2.19
CA SER A 143 5.65 16.76 -3.10
C SER A 143 7.00 16.63 -3.83
N ARG A 144 7.86 15.72 -3.39
CA ARG A 144 9.09 15.44 -4.14
C ARG A 144 8.87 14.40 -5.26
N GLY A 145 7.61 14.05 -5.54
CA GLY A 145 7.30 13.14 -6.65
C GLY A 145 7.54 11.69 -6.34
N GLU A 146 7.85 11.41 -5.08
CA GLU A 146 8.10 10.07 -4.59
C GLU A 146 6.84 9.29 -4.34
N ILE A 147 6.95 7.98 -4.49
CA ILE A 147 5.85 7.04 -4.41
C ILE A 147 6.35 5.85 -3.59
N LYS A 148 5.67 5.62 -2.46
CA LYS A 148 6.12 4.63 -1.49
C LYS A 148 5.00 3.79 -0.93
N LEU A 149 5.32 2.54 -0.69
CA LEU A 149 4.48 1.64 0.09
C LEU A 149 4.53 1.68 1.64
N CYS A 150 3.37 1.58 2.27
CA CYS A 150 3.34 1.31 3.70
C CYS A 150 2.40 0.13 3.97
N ASP A 151 2.30 -0.24 5.27
CA ASP A 151 1.30 -1.14 5.81
C ASP A 151 1.50 -2.58 5.32
N PHE A 152 2.74 -2.96 5.05
CA PHE A 152 3.06 -4.37 4.69
C PHE A 152 3.28 -5.30 5.88
N GLY A 153 3.34 -6.62 5.67
CA GLY A 153 3.25 -7.49 6.82
C GLY A 153 4.61 -7.92 7.30
N VAL A 154 5.31 -6.99 7.98
CA VAL A 154 6.61 -7.25 8.65
C VAL A 154 6.45 -8.16 9.83
N SER A 155 5.38 -7.88 10.60
CA SER A 155 5.04 -8.56 11.87
C SER A 155 4.04 -9.71 11.69
N GLY A 156 4.53 -10.93 11.84
CA GLY A 156 3.67 -12.11 11.96
C GLY A 156 2.56 -11.98 12.99
N GLN A 157 2.88 -11.52 14.20
CA GLN A 157 1.83 -11.40 15.22
C GLN A 157 0.75 -10.44 14.84
N LEU A 158 1.16 -9.30 14.26
CA LEU A 158 0.21 -8.24 13.89
C LEU A 158 -0.65 -8.71 12.75
N ILE A 159 -0.06 -9.42 11.79
CA ILE A 159 -0.83 -10.11 10.78
C ILE A 159 -1.96 -10.92 11.46
N ASP A 160 -1.58 -11.78 12.43
CA ASP A 160 -2.50 -12.66 13.18
C ASP A 160 -3.58 -11.84 13.94
N GLU A 161 -3.16 -10.87 14.76
CA GLU A 161 -4.09 -9.98 15.49
C GLU A 161 -4.97 -9.08 14.63
N MET A 162 -4.61 -8.95 13.37
CA MET A 162 -5.35 -8.13 12.45
C MET A 162 -6.42 -9.02 11.80
N ALA A 163 -6.04 -10.25 11.41
CA ALA A 163 -6.93 -11.21 10.80
C ALA A 163 -8.11 -11.59 11.66
N ASN A 164 -7.99 -11.35 12.96
CA ASN A 164 -9.07 -11.68 13.85
C ASN A 164 -9.78 -10.53 14.59
N GLU A 165 -9.42 -9.28 14.29
CA GLU A 165 -10.27 -8.16 14.67
C GLU A 165 -10.78 -7.34 13.47
N GLY A 168 -10.95 -7.84 6.86
CA GLY A 168 -10.06 -6.82 6.24
C GLY A 168 -10.55 -6.26 4.90
N THR A 169 -9.65 -6.04 3.95
CA THR A 169 -10.09 -5.53 2.65
C THR A 169 -10.21 -6.70 1.68
N ARG A 170 -11.33 -7.43 1.81
CA ARG A 170 -11.55 -8.68 1.11
C ARG A 170 -11.83 -8.41 -0.37
N SER A 171 -12.29 -7.20 -0.70
CA SER A 171 -12.54 -6.85 -2.09
C SER A 171 -11.25 -6.76 -2.90
N TYR A 172 -10.12 -6.74 -2.19
CA TYR A 172 -8.84 -6.63 -2.84
C TYR A 172 -8.06 -7.91 -2.89
N MET A 173 -8.60 -9.01 -2.37
CA MET A 173 -7.90 -10.29 -2.33
C MET A 173 -8.11 -11.07 -3.61
N SER A 174 -7.10 -11.84 -4.02
CA SER A 174 -7.20 -12.53 -5.29
C SER A 174 -8.24 -13.63 -5.25
N PRO A 175 -8.52 -14.28 -6.39
CA PRO A 175 -9.49 -15.37 -6.24
C PRO A 175 -9.01 -16.47 -5.29
N GLU A 176 -7.79 -17.00 -5.51
CA GLU A 176 -7.25 -18.14 -4.71
C GLU A 176 -7.13 -17.84 -3.22
N ARG A 177 -6.75 -16.59 -2.89
CA ARG A 177 -6.72 -16.16 -1.51
C ARG A 177 -8.10 -16.22 -0.91
N LEU A 178 -9.11 -15.71 -1.64
CA LEU A 178 -10.52 -15.83 -1.25
C LEU A 178 -10.97 -17.26 -1.00
N GLN A 179 -10.57 -18.20 -1.85
CA GLN A 179 -10.93 -19.57 -1.61
C GLN A 179 -10.18 -20.17 -0.38
N GLY A 180 -9.48 -19.32 0.39
CA GLY A 180 -8.73 -19.72 1.60
C GLY A 180 -7.27 -20.19 1.53
N THR A 181 -6.67 -20.13 0.33
CA THR A 181 -5.24 -20.38 0.12
C THR A 181 -4.34 -19.50 0.97
N HIS A 182 -3.21 -20.07 1.39
CA HIS A 182 -2.19 -19.29 2.10
C HIS A 182 -1.66 -18.16 1.23
N TYR A 183 -1.38 -16.99 1.83
CA TYR A 183 -0.92 -15.83 1.03
C TYR A 183 0.35 -16.13 0.22
N SER A 184 0.41 -15.58 -1.00
CA SER A 184 1.58 -15.69 -1.86
C SER A 184 1.94 -14.35 -2.53
N VAL A 185 3.11 -14.25 -3.17
CA VAL A 185 3.48 -13.02 -3.84
C VAL A 185 2.52 -12.73 -5.01
N GLN A 186 2.08 -13.82 -5.66
CA GLN A 186 1.13 -13.72 -6.76
C GLN A 186 -0.16 -13.04 -6.34
N SER A 187 -0.33 -12.78 -5.03
CA SER A 187 -1.53 -12.17 -4.48
C SER A 187 -1.30 -10.70 -4.31
N ASP A 188 -0.04 -10.34 -4.06
CA ASP A 188 0.35 -8.97 -4.05
C ASP A 188 0.16 -8.40 -5.42
N ILE A 189 0.48 -9.22 -6.42
CA ILE A 189 0.37 -8.88 -7.81
C ILE A 189 -1.07 -8.65 -8.27
N TRP A 190 -2.03 -9.49 -7.85
CA TRP A 190 -3.46 -9.29 -8.18
C TRP A 190 -3.92 -7.93 -7.67
N SER A 191 -3.57 -7.66 -6.41
CA SER A 191 -3.99 -6.45 -5.68
C SER A 191 -3.29 -5.29 -6.29
N MET A 192 -2.08 -5.52 -6.84
CA MET A 192 -1.46 -4.51 -7.74
C MET A 192 -2.25 -4.18 -9.03
N GLY A 193 -2.49 -5.21 -9.82
CA GLY A 193 -3.35 -5.16 -11.00
C GLY A 193 -4.62 -4.37 -10.72
N LEU A 194 -5.25 -4.61 -9.58
CA LEU A 194 -6.59 -4.23 -9.32
C LEU A 194 -6.56 -2.78 -8.91
N SER A 195 -5.54 -2.44 -8.14
CA SER A 195 -5.20 -1.03 -7.80
C SER A 195 -5.10 -0.21 -9.07
N LEU A 196 -4.37 -0.74 -10.08
CA LEU A 196 -4.02 0.03 -11.29
C LEU A 196 -5.29 0.30 -12.11
N VAL A 197 -6.17 -0.70 -12.18
CA VAL A 197 -7.45 -0.53 -12.85
C VAL A 197 -8.37 0.37 -12.05
N GLU A 198 -8.43 0.23 -10.76
CA GLU A 198 -9.32 1.18 -10.03
C GLU A 198 -8.88 2.61 -10.24
N MET A 199 -7.60 2.93 -10.02
CA MET A 199 -7.09 4.31 -10.27
C MET A 199 -7.23 4.87 -11.70
N ALA A 200 -7.07 4.00 -12.69
CA ALA A 200 -7.31 4.33 -14.05
C ALA A 200 -8.75 4.63 -14.34
N VAL A 201 -9.69 3.77 -13.89
CA VAL A 201 -11.09 3.99 -14.30
C VAL A 201 -11.83 4.92 -13.33
N GLY A 202 -11.21 5.21 -12.18
CA GLY A 202 -11.88 6.09 -11.20
C GLY A 202 -12.85 5.52 -10.19
N ARG A 203 -13.00 4.20 -10.16
CA ARG A 203 -13.95 3.56 -9.22
C ARG A 203 -13.50 2.12 -9.06
N TYR A 204 -14.01 1.45 -8.01
CA TYR A 204 -13.67 0.07 -7.76
C TYR A 204 -14.21 -0.74 -8.97
N PRO A 205 -13.33 -1.42 -9.70
CA PRO A 205 -13.66 -1.86 -11.07
C PRO A 205 -14.59 -3.07 -11.18
N ARG A 206 -15.72 -3.34 -10.33
CA ARG A 206 -16.64 -4.47 -10.38
C ARG A 206 -18.06 -3.92 -10.37
N PRO A 207 -19.01 -4.67 -10.98
CA PRO A 207 -20.43 -4.31 -10.93
C PRO A 207 -20.82 -4.21 -9.49
N PRO A 208 -21.72 -3.28 -9.14
CA PRO A 208 -22.09 -3.14 -7.73
C PRO A 208 -22.88 -4.36 -7.23
N MET A 209 -22.76 -4.68 -5.95
CA MET A 209 -23.43 -5.86 -5.44
C MET A 209 -23.20 -5.94 -3.95
N ALA A 210 -23.87 -6.89 -3.30
CA ALA A 210 -23.67 -7.14 -1.88
C ALA A 210 -22.34 -7.84 -1.69
N ILE A 211 -21.72 -7.59 -0.51
CA ILE A 211 -20.40 -8.16 -0.20
C ILE A 211 -20.24 -9.63 -0.41
N PHE A 212 -21.12 -10.45 0.16
CA PHE A 212 -20.88 -11.87 -0.02
C PHE A 212 -21.03 -12.30 -1.46
N GLU A 213 -21.82 -11.53 -2.22
CA GLU A 213 -22.02 -11.82 -3.65
C GLU A 213 -20.76 -11.50 -4.39
N LEU A 214 -20.17 -10.34 -4.06
CA LEU A 214 -18.88 -9.89 -4.64
C LEU A 214 -17.79 -10.92 -4.43
N LEU A 215 -17.63 -11.39 -3.20
CA LEU A 215 -16.60 -12.41 -2.92
C LEU A 215 -16.70 -13.66 -3.78
N ASP A 216 -17.89 -14.23 -4.00
CA ASP A 216 -18.03 -15.35 -4.98
C ASP A 216 -17.90 -14.87 -6.41
N TYR A 217 -18.39 -13.65 -6.67
CA TYR A 217 -18.20 -13.02 -7.98
C TYR A 217 -16.74 -13.06 -8.37
N ILE A 218 -15.86 -12.58 -7.50
CA ILE A 218 -14.40 -12.60 -7.73
C ILE A 218 -13.82 -14.01 -7.97
N VAL A 219 -14.26 -14.99 -7.20
CA VAL A 219 -13.73 -16.36 -7.35
C VAL A 219 -14.21 -16.90 -8.68
N ASN A 220 -15.51 -16.74 -8.93
CA ASN A 220 -16.21 -17.36 -10.07
C ASN A 220 -16.14 -16.67 -11.41
N GLU A 221 -16.05 -15.34 -11.40
CA GLU A 221 -16.14 -14.58 -12.65
C GLU A 221 -14.78 -14.12 -13.19
N PRO A 222 -14.76 -13.66 -14.47
CA PRO A 222 -13.45 -13.44 -15.07
C PRO A 222 -12.95 -12.10 -14.52
N PRO A 223 -11.64 -11.84 -14.61
CA PRO A 223 -11.08 -10.69 -13.89
C PRO A 223 -11.48 -9.35 -14.50
N PRO A 224 -11.22 -8.24 -13.79
CA PRO A 224 -11.45 -6.99 -14.50
C PRO A 224 -10.38 -6.64 -15.57
N LYS A 225 -10.77 -5.68 -16.42
CA LYS A 225 -10.05 -5.31 -17.62
C LYS A 225 -10.21 -3.82 -17.79
N LEU A 226 -9.25 -3.22 -18.47
CA LEU A 226 -9.34 -1.82 -18.84
C LEU A 226 -10.29 -1.67 -20.02
N PRO A 227 -11.00 -0.51 -20.09
CA PRO A 227 -11.66 -0.05 -21.30
C PRO A 227 -10.61 -0.06 -22.37
N SER A 228 -10.89 -0.68 -23.50
CA SER A 228 -9.90 -0.83 -24.55
C SER A 228 -9.73 0.44 -25.36
N ALA A 229 -10.67 1.36 -25.21
CA ALA A 229 -10.67 2.53 -26.07
C ALA A 229 -9.53 3.48 -25.71
N VAL A 230 -9.46 3.79 -24.42
CA VAL A 230 -8.73 4.93 -23.91
C VAL A 230 -7.39 4.65 -23.18
N PHE A 231 -6.79 3.45 -23.38
CA PHE A 231 -5.61 3.00 -22.63
C PHE A 231 -4.77 2.22 -23.61
N SER A 232 -3.44 2.35 -23.54
CA SER A 232 -2.56 1.69 -24.52
C SER A 232 -2.69 0.21 -24.32
N LEU A 233 -2.32 -0.54 -25.36
CA LEU A 233 -2.46 -1.97 -25.41
C LEU A 233 -1.49 -2.61 -24.47
N GLU A 234 -0.35 -1.96 -24.28
CA GLU A 234 0.72 -2.39 -23.37
C GLU A 234 0.30 -2.25 -21.90
N PHE A 235 -0.47 -1.20 -21.57
CA PHE A 235 -1.07 -1.05 -20.21
C PHE A 235 -2.16 -2.09 -19.94
N GLN A 236 -2.92 -2.39 -20.98
CA GLN A 236 -3.98 -3.38 -20.91
C GLN A 236 -3.40 -4.77 -20.76
N ASP A 237 -2.32 -5.05 -21.47
CA ASP A 237 -1.57 -6.28 -21.28
C ASP A 237 -1.02 -6.37 -19.87
N PHE A 238 -0.52 -5.26 -19.33
CA PHE A 238 0.25 -5.27 -18.08
C PHE A 238 -0.65 -5.68 -16.96
N VAL A 239 -1.78 -4.98 -16.90
CA VAL A 239 -2.84 -5.17 -15.96
C VAL A 239 -3.49 -6.56 -16.14
N ASN A 240 -3.61 -7.04 -17.38
CA ASN A 240 -4.17 -8.36 -17.66
C ASN A 240 -3.33 -9.49 -17.10
N LYS A 241 -2.02 -9.41 -17.35
CA LYS A 241 -1.03 -10.30 -16.76
C LYS A 241 -0.94 -10.29 -15.24
N CYS A 242 -1.33 -9.18 -14.58
CA CYS A 242 -1.40 -9.10 -13.12
C CYS A 242 -2.66 -9.79 -12.58
N LEU A 243 -3.69 -9.83 -13.43
CA LEU A 243 -5.01 -10.34 -13.05
C LEU A 243 -5.37 -11.73 -13.61
N ILE A 244 -4.46 -12.46 -14.24
CA ILE A 244 -4.73 -13.88 -14.57
C ILE A 244 -5.22 -14.60 -13.29
N LYS A 245 -6.37 -15.27 -13.32
CA LYS A 245 -6.98 -15.87 -12.10
C LYS A 245 -6.23 -17.07 -11.55
N ASN A 246 -5.57 -17.81 -12.43
CA ASN A 246 -4.68 -18.84 -11.99
C ASN A 246 -3.37 -18.18 -11.54
N PRO A 247 -2.96 -18.40 -10.28
CA PRO A 247 -1.76 -17.71 -9.78
C PRO A 247 -0.49 -18.28 -10.39
N ALA A 248 -0.57 -19.55 -10.78
CA ALA A 248 0.48 -20.22 -11.53
C ALA A 248 0.83 -19.51 -12.86
N GLU A 249 -0.19 -18.94 -13.53
CA GLU A 249 -0.09 -18.31 -14.85
C GLU A 249 -0.04 -16.74 -14.83
N ARG A 250 -0.36 -16.13 -13.69
CA ARG A 250 -0.19 -14.70 -13.47
C ARG A 250 1.29 -14.32 -13.62
N ALA A 251 1.57 -13.14 -14.16
CA ALA A 251 2.96 -12.69 -14.25
C ALA A 251 3.56 -12.61 -12.84
N ASP A 252 4.85 -12.87 -12.73
CA ASP A 252 5.59 -12.54 -11.50
C ASP A 252 6.32 -11.22 -11.64
N LEU A 253 6.94 -10.76 -10.56
CA LEU A 253 7.65 -9.48 -10.50
C LEU A 253 8.90 -9.35 -11.45
N LYS A 254 9.74 -10.37 -11.52
CA LYS A 254 10.78 -10.47 -12.55
C LYS A 254 10.17 -10.07 -13.87
N GLN A 255 9.08 -10.74 -14.22
CA GLN A 255 8.50 -10.63 -15.55
C GLN A 255 7.84 -9.29 -15.78
N LEU A 256 7.20 -8.76 -14.76
CA LEU A 256 6.56 -7.48 -14.88
C LEU A 256 7.59 -6.36 -15.05
N MET A 257 8.81 -6.54 -14.57
CA MET A 257 9.80 -5.44 -14.47
C MET A 257 10.41 -5.13 -15.82
N VAL A 258 10.27 -6.07 -16.73
CA VAL A 258 10.75 -5.94 -18.07
C VAL A 258 9.60 -5.97 -19.12
N HIS A 259 8.37 -5.71 -18.68
CA HIS A 259 7.21 -5.61 -19.55
C HIS A 259 7.23 -4.34 -20.37
N ALA A 260 6.82 -4.46 -21.63
CA ALA A 260 6.63 -3.34 -22.54
C ALA A 260 6.13 -2.07 -21.85
N PHE A 261 5.09 -2.15 -21.02
CA PHE A 261 4.55 -0.95 -20.31
C PHE A 261 5.47 -0.30 -19.26
N ILE A 262 6.26 -1.15 -18.58
CA ILE A 262 7.25 -0.66 -17.59
C ILE A 262 8.47 -0.02 -18.32
N LYS A 263 9.06 -0.73 -19.29
CA LYS A 263 10.14 -0.19 -20.12
C LYS A 263 9.69 1.15 -20.76
N ARG A 264 8.46 1.21 -21.28
CA ARG A 264 7.97 2.46 -21.90
C ARG A 264 7.90 3.57 -20.90
N SER A 265 7.34 3.29 -19.72
CA SER A 265 7.15 4.32 -18.65
C SER A 265 8.42 4.79 -17.96
N ASP A 266 9.39 3.88 -17.87
CA ASP A 266 10.68 4.16 -17.27
C ASP A 266 11.35 5.29 -18.06
N ALA A 267 11.32 5.10 -19.38
CA ALA A 267 11.86 6.05 -20.35
C ALA A 267 11.14 7.38 -20.36
N GLU A 268 9.85 7.42 -19.99
CA GLU A 268 9.13 8.71 -20.05
C GLU A 268 9.48 9.73 -18.97
N GLU A 269 9.22 10.99 -19.28
CA GLU A 269 9.58 12.05 -18.39
C GLU A 269 8.28 12.64 -17.92
N VAL A 270 7.87 12.22 -16.74
CA VAL A 270 6.58 12.61 -16.23
C VAL A 270 6.96 13.45 -15.01
N ASP A 271 6.33 14.62 -14.89
CA ASP A 271 6.60 15.52 -13.82
C ASP A 271 5.43 15.22 -12.90
N PHE A 272 5.59 14.07 -12.28
CA PHE A 272 4.60 13.56 -11.38
C PHE A 272 4.41 14.51 -10.21
N ALA A 273 5.50 15.07 -9.66
CA ALA A 273 5.40 16.00 -8.51
C ALA A 273 4.60 17.24 -8.79
N GLY A 274 4.60 17.68 -10.04
CA GLY A 274 3.92 18.91 -10.40
C GLY A 274 2.50 18.60 -10.79
N TRP A 275 2.34 17.47 -11.50
CA TRP A 275 1.02 16.83 -11.63
C TRP A 275 0.32 16.76 -10.27
N LEU A 276 0.94 16.11 -9.29
CA LEU A 276 0.39 16.02 -7.95
C LEU A 276 0.03 17.40 -7.34
N CYS A 277 1.03 18.27 -7.24
CA CYS A 277 0.85 19.53 -6.53
C CYS A 277 -0.25 20.37 -7.17
N SER A 278 -0.33 20.33 -8.49
CA SER A 278 -1.51 20.83 -9.21
C SER A 278 -2.87 20.23 -8.68
N THR A 279 -3.01 18.89 -8.60
CA THR A 279 -4.35 18.24 -8.41
C THR A 279 -4.90 18.25 -7.01
N ILE A 280 -4.02 18.35 -6.02
CA ILE A 280 -4.42 18.31 -4.62
C ILE A 280 -4.15 19.65 -3.92
N GLY A 281 -3.82 20.66 -4.73
CA GLY A 281 -3.48 22.02 -4.29
C GLY A 281 -2.37 22.14 -3.27
N LEU A 282 -1.24 21.45 -3.48
CA LEU A 282 -0.13 21.40 -2.51
C LEU A 282 0.80 22.60 -2.61
MG MG B . -3.34 2.18 5.45
PG ATP C . -7.88 0.44 5.84
O1G ATP C . -7.71 0.57 7.34
O2G ATP C . -6.87 -0.53 5.23
O3G ATP C . -9.36 0.25 5.46
PB ATP C . -6.41 2.88 5.18
O1B ATP C . -5.26 2.15 4.50
O2B ATP C . -6.80 4.25 4.70
O3B ATP C . -7.68 1.91 5.15
PA ATP C . -4.88 3.52 7.55
O1A ATP C . -3.70 2.61 7.32
O2A ATP C . -5.18 4.26 8.86
O3A ATP C . -6.23 3.13 6.78
O5' ATP C . -4.58 4.82 6.71
C5' ATP C . -5.19 6.00 7.18
C4' ATP C . -5.04 7.14 6.19
O4' ATP C . -4.01 7.97 6.69
C3' ATP C . -4.67 6.86 4.74
O3' ATP C . -5.79 7.03 3.84
C2' ATP C . -3.64 7.91 4.38
O2' ATP C . -4.34 8.97 3.72
C1' ATP C . -3.16 8.46 5.70
N9 ATP C . -1.80 7.97 6.03
C8 ATP C . -1.41 6.75 6.51
N7 ATP C . -0.07 6.71 6.66
C5 ATP C . 0.42 7.90 6.25
C6 ATP C . 1.74 8.58 6.14
N6 ATP C . 2.87 7.93 6.46
N1 ATP C . 1.77 9.87 5.65
C2 ATP C . 0.68 10.56 5.26
N3 ATP C . -0.55 10.01 5.35
C4 ATP C . -0.73 8.74 5.85
C13 5Y0 D . 2.76 -0.63 9.14
C14 5Y0 D . 3.68 -1.38 8.38
C15 5Y0 D . 4.72 -0.73 7.77
C16 5Y0 D . 4.93 0.65 7.86
C17 5Y0 D . 3.98 1.37 8.61
C18 5Y0 D . 2.93 0.73 9.23
N9 5Y0 D . 1.68 -1.22 9.74
C5 5Y0 D . 1.16 -2.47 9.56
C6 5Y0 D . -0.18 -2.75 9.26
C1 5Y0 D . -0.61 -4.09 9.12
C2 5Y0 D . 0.30 -5.15 9.29
C3 5Y0 D . 1.63 -4.85 9.64
C4 5Y0 D . 2.02 -3.55 9.73
C10 5Y0 D . -1.19 -1.68 9.09
N12 5Y0 D . -2.39 -1.92 8.57
O11 5Y0 D . -1.02 -0.65 9.76
O21 5Y0 D . -3.42 -0.98 8.79
C22 5Y0 D . -4.77 -1.14 8.31
C24 5Y0 D . -5.13 -0.12 10.59
O26 5Y0 D . -6.99 -1.20 9.42
O23 5Y0 D . -4.42 1.05 10.25
C25 5Y0 D . -5.78 -0.44 9.25
I20 5Y0 D . 6.55 1.73 6.97
F19 5Y0 D . 2.06 1.48 9.95
F7 5Y0 D . 3.32 -3.33 10.04
F8 5Y0 D . 2.58 -5.80 9.85
#